data_5PO0
#
_entry.id   5PO0
#
_cell.length_a   55.831
_cell.length_b   56.142
_cell.length_c   101.660
_cell.angle_alpha   90.000
_cell.angle_beta   90.000
_cell.angle_gamma   90.000
#
_symmetry.space_group_name_H-M   'P 21 21 21'
#
loop_
_entity.id
_entity.type
_entity.pdbx_description
1 polymer 'Bromodomain-containing protein 1'
2 non-polymer 'SODIUM ION'
3 non-polymer 1,2-ETHANEDIOL
4 non-polymer N-(3-methyl-1,2-oxazol-5-yl)cyclopropanecarboxamide
5 water water
#
_entity_poly.entity_id   1
_entity_poly.type   'polypeptide(L)'
_entity_poly.pdbx_seq_one_letter_code
;MHHHHHHSSGVDLGTENLYFQSMEQVAMELRLTELTRLLRSVLDQLQDKDPARIFAQPVSLKEVPDYLDHIKHPMDFATM
RKRLEAQGYKNLHEFEEDFDLIIDNCMKYNARDTVFYRAAVRLRDQGGVVLRQARREVDSIGLEEASGMHLPERPA
;
_entity_poly.pdbx_strand_id   A,B
#
loop_
_chem_comp.id
_chem_comp.type
_chem_comp.name
_chem_comp.formula
8S7 non-polymer N-(3-methyl-1,2-oxazol-5-yl)cyclopropanecarboxamide 'C8 H10 N2 O2'
EDO non-polymer 1,2-ETHANEDIOL 'C2 H6 O2'
NA non-polymer 'SODIUM ION' 'Na 1'
#
# COMPACT_ATOMS: atom_id res chain seq x y z
N SER A 22 -1.26 -36.63 5.34
CA SER A 22 -2.16 -36.71 6.48
C SER A 22 -3.56 -36.25 6.10
N MET A 23 -4.54 -36.61 6.92
CA MET A 23 -5.92 -36.19 6.74
CA MET A 23 -5.92 -36.20 6.70
C MET A 23 -6.05 -34.68 6.92
N GLU A 24 -5.33 -34.15 7.89
CA GLU A 24 -5.35 -32.71 8.16
C GLU A 24 -4.89 -31.92 6.95
N GLN A 25 -3.84 -32.41 6.28
CA GLN A 25 -3.32 -31.73 5.10
C GLN A 25 -4.38 -31.71 3.99
N VAL A 26 -5.04 -32.84 3.79
CA VAL A 26 -6.14 -32.94 2.83
C VAL A 26 -7.28 -31.95 3.14
N ALA A 27 -7.60 -31.82 4.42
CA ALA A 27 -8.65 -30.91 4.84
C ALA A 27 -8.31 -29.46 4.51
N MET A 28 -7.07 -29.05 4.75
CA MET A 28 -6.61 -27.71 4.44
CA MET A 28 -6.73 -27.67 4.44
C MET A 28 -6.61 -27.48 2.93
N GLU A 29 -6.24 -28.52 2.20
CA GLU A 29 -6.22 -28.42 0.75
C GLU A 29 -7.64 -28.28 0.21
N LEU A 30 -8.61 -28.94 0.85
CA LEU A 30 -10.00 -28.78 0.45
C LEU A 30 -10.49 -27.35 0.73
N ARG A 31 -10.08 -26.79 1.86
CA ARG A 31 -10.43 -25.41 2.20
C ARG A 31 -9.86 -24.45 1.15
N LEU A 32 -8.60 -24.66 0.76
CA LEU A 32 -7.96 -23.81 -0.25
C LEU A 32 -8.68 -23.90 -1.59
N THR A 33 -9.10 -25.12 -1.95
CA THR A 33 -9.81 -25.31 -3.20
C THR A 33 -11.16 -24.58 -3.19
N GLU A 34 -11.84 -24.63 -2.05
CA GLU A 34 -13.10 -23.94 -1.90
C GLU A 34 -12.93 -22.42 -1.90
N LEU A 35 -11.86 -21.94 -1.29
CA LEU A 35 -11.58 -20.50 -1.33
C LEU A 35 -11.33 -20.07 -2.77
N THR A 36 -10.55 -20.87 -3.50
CA THR A 36 -10.24 -20.60 -4.89
C THR A 36 -11.51 -20.52 -5.74
N ARG A 37 -12.46 -21.41 -5.49
CA ARG A 37 -13.73 -21.38 -6.19
C ARG A 37 -14.50 -20.09 -5.93
N LEU A 38 -14.51 -19.65 -4.67
CA LEU A 38 -15.17 -18.41 -4.29
C LEU A 38 -14.50 -17.21 -4.95
N LEU A 39 -13.17 -17.17 -4.89
CA LEU A 39 -12.41 -16.05 -5.45
C LEU A 39 -12.53 -15.97 -6.95
N ARG A 40 -12.72 -17.11 -7.60
CA ARG A 40 -12.93 -17.12 -9.05
C ARG A 40 -14.24 -16.41 -9.39
N SER A 41 -15.28 -16.67 -8.60
CA SER A 41 -16.55 -15.98 -8.77
C SER A 41 -16.40 -14.48 -8.50
N VAL A 42 -15.68 -14.14 -7.44
CA VAL A 42 -15.40 -12.73 -7.12
C VAL A 42 -14.64 -12.06 -8.26
N LEU A 43 -13.59 -12.70 -8.76
CA LEU A 43 -12.79 -12.11 -9.83
C LEU A 43 -13.63 -11.87 -11.08
N ASP A 44 -14.49 -12.83 -11.43
CA ASP A 44 -15.36 -12.64 -12.58
C ASP A 44 -16.28 -11.44 -12.39
N GLN A 45 -16.84 -11.31 -11.19
CA GLN A 45 -17.71 -10.19 -10.90
C GLN A 45 -16.97 -8.86 -10.93
N LEU A 46 -15.74 -8.83 -10.42
CA LEU A 46 -14.97 -7.60 -10.43
C LEU A 46 -14.60 -7.19 -11.83
N GLN A 47 -14.22 -8.16 -12.65
CA GLN A 47 -13.79 -7.86 -14.02
C GLN A 47 -14.97 -7.36 -14.86
N ASP A 48 -16.18 -7.81 -14.52
CA ASP A 48 -17.38 -7.30 -15.17
C ASP A 48 -17.56 -5.80 -14.94
N LYS A 49 -16.98 -5.28 -13.86
CA LYS A 49 -17.05 -3.85 -13.58
C LYS A 49 -15.98 -3.07 -14.34
N ASP A 50 -15.24 -3.76 -15.21
CA ASP A 50 -14.26 -3.14 -16.11
C ASP A 50 -14.68 -3.42 -17.55
N PRO A 51 -15.80 -2.84 -17.99
CA PRO A 51 -16.26 -3.25 -19.31
C PRO A 51 -15.35 -2.80 -20.45
N ALA A 52 -14.52 -1.78 -20.22
CA ALA A 52 -13.58 -1.29 -21.23
C ALA A 52 -12.34 -2.18 -21.38
N ARG A 53 -12.18 -3.14 -20.46
CA ARG A 53 -11.00 -4.03 -20.41
C ARG A 53 -9.70 -3.25 -20.25
N ILE A 54 -9.77 -2.16 -19.50
CA ILE A 54 -8.60 -1.35 -19.21
C ILE A 54 -7.63 -2.07 -18.29
N PHE A 55 -8.14 -3.01 -17.49
CA PHE A 55 -7.31 -3.69 -16.50
C PHE A 55 -7.17 -5.19 -16.79
N ALA A 56 -7.54 -5.58 -18.00
CA ALA A 56 -7.56 -7.00 -18.34
C ALA A 56 -6.18 -7.62 -18.47
N GLN A 57 -5.21 -6.83 -18.92
CA GLN A 57 -3.87 -7.33 -19.19
C GLN A 57 -2.81 -6.39 -18.59
N PRO A 58 -1.57 -6.89 -18.44
CA PRO A 58 -0.51 -6.00 -17.95
C PRO A 58 -0.40 -4.76 -18.83
N VAL A 59 -0.12 -3.61 -18.20
CA VAL A 59 0.16 -2.40 -18.95
C VAL A 59 1.30 -2.70 -19.92
N SER A 60 1.07 -2.37 -21.19
CA SER A 60 2.04 -2.66 -22.24
C SER A 60 3.26 -1.76 -22.14
N LEU A 61 4.44 -2.37 -22.05
CA LEU A 61 5.68 -1.63 -21.96
C LEU A 61 6.11 -1.12 -23.33
N LYS A 62 5.46 -1.61 -24.39
CA LYS A 62 5.68 -1.07 -25.71
C LYS A 62 4.94 0.24 -25.84
N GLU A 63 3.74 0.23 -25.30
CA GLU A 63 2.86 1.37 -25.33
C GLU A 63 3.24 2.42 -24.28
N VAL A 64 3.79 1.94 -23.16
CA VAL A 64 4.18 2.79 -22.03
C VAL A 64 5.59 2.38 -21.56
N PRO A 65 6.63 2.81 -22.29
CA PRO A 65 7.98 2.31 -22.04
C PRO A 65 8.56 2.67 -20.66
N ASP A 66 8.06 3.74 -20.05
CA ASP A 66 8.60 4.18 -18.77
C ASP A 66 7.80 3.67 -17.58
N TYR A 67 6.88 2.74 -17.81
CA TYR A 67 5.93 2.35 -16.76
C TYR A 67 6.60 1.89 -15.48
N LEU A 68 7.66 1.07 -15.59
CA LEU A 68 8.30 0.50 -14.42
C LEU A 68 9.13 1.52 -13.64
N ASP A 69 9.42 2.66 -14.26
CA ASP A 69 10.05 3.77 -13.52
C ASP A 69 9.07 4.41 -12.54
N HIS A 70 7.78 4.23 -12.81
CA HIS A 70 6.73 4.84 -12.00
C HIS A 70 6.10 3.87 -11.02
N ILE A 71 5.82 2.67 -11.52
CA ILE A 71 5.03 1.68 -10.80
C ILE A 71 5.91 0.48 -10.44
N LYS A 72 6.07 0.25 -9.15
CA LYS A 72 7.01 -0.78 -8.71
C LYS A 72 6.41 -2.18 -8.68
N HIS A 73 5.09 -2.29 -8.57
CA HIS A 73 4.45 -3.59 -8.56
C HIS A 73 3.22 -3.61 -9.47
N PRO A 74 3.45 -3.78 -10.78
CA PRO A 74 2.35 -3.83 -11.75
C PRO A 74 1.36 -4.96 -11.42
N MET A 75 0.09 -4.75 -11.74
CA MET A 75 -0.88 -5.83 -11.55
C MET A 75 -2.03 -5.64 -12.54
N ASP A 76 -2.73 -6.74 -12.84
CA ASP A 76 -3.82 -6.75 -13.81
C ASP A 76 -4.67 -8.01 -13.61
N PHE A 77 -5.84 -8.08 -14.22
CA PHE A 77 -6.73 -9.23 -14.00
C PHE A 77 -6.17 -10.55 -14.55
N ALA A 78 -5.45 -10.53 -15.67
CA ALA A 78 -4.88 -11.77 -16.19
C ALA A 78 -3.84 -12.36 -15.25
N THR A 79 -3.02 -11.49 -14.68
CA THR A 79 -1.99 -11.91 -13.75
C THR A 79 -2.64 -12.47 -12.48
N MET A 80 -3.70 -11.82 -12.01
CA MET A 80 -4.44 -12.35 -10.86
C MET A 80 -5.04 -13.73 -11.15
N ARG A 81 -5.57 -13.92 -12.35
CA ARG A 81 -6.23 -15.16 -12.70
C ARG A 81 -5.23 -16.31 -12.77
N LYS A 82 -4.01 -16.01 -13.23
CA LYS A 82 -2.93 -16.99 -13.25
C LYS A 82 -2.61 -17.47 -11.83
N ARG A 83 -2.43 -16.51 -10.93
CA ARG A 83 -2.14 -16.85 -9.54
C ARG A 83 -3.30 -17.63 -8.92
N LEU A 84 -4.52 -17.24 -9.25
CA LEU A 84 -5.70 -17.87 -8.69
C LEU A 84 -5.80 -19.34 -9.06
N GLU A 85 -5.56 -19.65 -10.33
CA GLU A 85 -5.75 -21.03 -10.76
C GLU A 85 -4.60 -21.93 -10.30
N ALA A 86 -3.51 -21.31 -9.87
CA ALA A 86 -2.44 -22.04 -9.20
C ALA A 86 -2.70 -22.14 -7.69
N GLN A 87 -3.90 -21.73 -7.28
CA GLN A 87 -4.29 -21.65 -5.87
C GLN A 87 -3.26 -20.85 -5.05
N GLY A 88 -2.82 -19.73 -5.60
CA GLY A 88 -1.80 -18.89 -4.98
C GLY A 88 -2.30 -17.83 -4.02
N TYR A 89 -3.62 -17.76 -3.82
CA TYR A 89 -4.19 -16.86 -2.81
C TYR A 89 -4.64 -17.68 -1.59
N LYS A 90 -3.95 -17.52 -0.47
CA LYS A 90 -4.23 -18.33 0.72
C LYS A 90 -5.38 -17.77 1.55
N ASN A 91 -5.72 -16.52 1.32
CA ASN A 91 -6.80 -15.86 2.04
C ASN A 91 -7.33 -14.70 1.22
N LEU A 92 -8.44 -14.11 1.63
CA LEU A 92 -9.03 -13.00 0.87
C LEU A 92 -8.14 -11.76 0.90
N HIS A 93 -7.42 -11.54 1.99
CA HIS A 93 -6.55 -10.36 2.08
C HIS A 93 -5.53 -10.30 0.95
N GLU A 94 -4.92 -11.44 0.63
CA GLU A 94 -3.91 -11.49 -0.43
C GLU A 94 -4.52 -11.11 -1.78
N PHE A 95 -5.72 -11.62 -2.03
CA PHE A 95 -6.47 -11.31 -3.24
C PHE A 95 -6.82 -9.82 -3.30
N GLU A 96 -7.33 -9.27 -2.21
CA GLU A 96 -7.66 -7.85 -2.18
CA GLU A 96 -7.66 -7.84 -2.18
C GLU A 96 -6.44 -6.96 -2.38
N GLU A 97 -5.29 -7.39 -1.88
N GLU A 97 -5.28 -7.40 -1.91
CA GLU A 97 -4.06 -6.63 -2.05
CA GLU A 97 -4.07 -6.58 -2.05
C GLU A 97 -3.77 -6.45 -3.53
C GLU A 97 -3.64 -6.47 -3.52
N ASP A 98 -3.88 -7.53 -4.30
CA ASP A 98 -3.63 -7.46 -5.74
C ASP A 98 -4.70 -6.60 -6.44
N PHE A 99 -5.97 -6.73 -6.04
CA PHE A 99 -7.00 -5.90 -6.64
C PHE A 99 -6.71 -4.42 -6.37
N ASP A 100 -6.33 -4.10 -5.14
CA ASP A 100 -6.01 -2.72 -4.81
C ASP A 100 -4.82 -2.19 -5.61
N LEU A 101 -3.85 -3.05 -5.94
CA LEU A 101 -2.73 -2.64 -6.77
C LEU A 101 -3.19 -2.17 -8.15
N ILE A 102 -4.13 -2.91 -8.73
CA ILE A 102 -4.65 -2.54 -10.05
C ILE A 102 -5.16 -1.10 -10.02
N ILE A 103 -5.97 -0.82 -9.01
CA ILE A 103 -6.60 0.49 -8.82
CA ILE A 103 -6.60 0.48 -8.89
C ILE A 103 -5.59 1.57 -8.50
N ASP A 104 -4.76 1.30 -7.51
CA ASP A 104 -3.84 2.30 -7.01
C ASP A 104 -2.75 2.65 -8.02
N ASN A 105 -2.25 1.65 -8.76
CA ASN A 105 -1.25 1.91 -9.79
C ASN A 105 -1.82 2.85 -10.84
N CYS A 106 -3.05 2.57 -11.24
CA CYS A 106 -3.71 3.36 -12.27
C CYS A 106 -3.92 4.80 -11.85
N MET A 107 -4.34 5.00 -10.59
CA MET A 107 -4.63 6.33 -10.12
C MET A 107 -3.37 7.17 -9.85
N LYS A 108 -2.20 6.54 -9.80
CA LYS A 108 -0.96 7.28 -9.71
CA LYS A 108 -0.91 7.22 -9.72
C LYS A 108 -0.43 7.62 -11.10
N TYR A 109 -0.36 6.63 -11.99
CA TYR A 109 0.23 6.90 -13.30
C TYR A 109 -0.61 7.85 -14.15
N ASN A 110 -1.92 7.69 -14.09
CA ASN A 110 -2.83 8.46 -14.93
C ASN A 110 -3.45 9.64 -14.18
N ALA A 111 -3.64 10.77 -14.87
CA ALA A 111 -4.23 11.95 -14.25
C ALA A 111 -5.74 11.81 -14.06
N ARG A 112 -6.30 12.64 -13.18
CA ARG A 112 -7.73 12.59 -12.86
C ARG A 112 -8.67 12.71 -14.04
N ASP A 113 -8.26 13.43 -15.08
CA ASP A 113 -9.16 13.71 -16.20
C ASP A 113 -9.06 12.68 -17.33
N THR A 114 -8.53 11.50 -17.02
CA THR A 114 -8.35 10.50 -18.07
C THR A 114 -9.34 9.37 -17.93
N VAL A 115 -9.61 8.69 -19.04
CA VAL A 115 -10.53 7.56 -19.05
C VAL A 115 -9.97 6.42 -18.16
N PHE A 116 -8.65 6.35 -18.07
CA PHE A 116 -7.99 5.34 -17.25
C PHE A 116 -8.26 5.55 -15.76
N TYR A 117 -7.96 6.76 -15.27
CA TYR A 117 -8.19 7.07 -13.86
C TYR A 117 -9.66 6.86 -13.51
N ARG A 118 -10.54 7.33 -14.39
CA ARG A 118 -11.95 7.28 -14.08
C ARG A 118 -12.46 5.84 -14.07
N ALA A 119 -11.87 4.99 -14.92
CA ALA A 119 -12.25 3.57 -14.91
C ALA A 119 -11.84 2.93 -13.58
N ALA A 120 -10.69 3.34 -13.06
CA ALA A 120 -10.23 2.79 -11.77
C ALA A 120 -11.16 3.21 -10.63
N VAL A 121 -11.61 4.47 -10.63
CA VAL A 121 -12.52 4.96 -9.60
C VAL A 121 -13.82 4.15 -9.62
N ARG A 122 -14.38 3.96 -10.81
CA ARG A 122 -15.62 3.19 -10.95
C ARG A 122 -15.44 1.71 -10.56
N LEU A 123 -14.32 1.10 -10.93
CA LEU A 123 -14.03 -0.27 -10.52
C LEU A 123 -13.90 -0.39 -9.00
N ARG A 124 -13.21 0.56 -8.39
CA ARG A 124 -13.05 0.61 -6.94
CA ARG A 124 -13.07 0.56 -6.94
C ARG A 124 -14.42 0.69 -6.25
N ASP A 125 -15.25 1.62 -6.70
CA ASP A 125 -16.55 1.85 -6.07
C ASP A 125 -17.47 0.65 -6.23
N GLN A 126 -17.61 0.15 -7.46
CA GLN A 126 -18.51 -0.98 -7.72
C GLN A 126 -17.96 -2.27 -7.15
N GLY A 127 -16.63 -2.38 -7.09
CA GLY A 127 -15.98 -3.56 -6.57
C GLY A 127 -16.10 -3.69 -5.06
N GLY A 128 -16.18 -2.54 -4.38
CA GLY A 128 -16.31 -2.54 -2.93
C GLY A 128 -17.52 -3.31 -2.45
N VAL A 129 -18.61 -3.19 -3.20
CA VAL A 129 -19.85 -3.88 -2.90
C VAL A 129 -19.65 -5.41 -2.94
N VAL A 130 -19.00 -5.86 -4.01
CA VAL A 130 -18.73 -7.28 -4.20
C VAL A 130 -17.83 -7.83 -3.09
N LEU A 131 -16.78 -7.09 -2.78
CA LEU A 131 -15.82 -7.53 -1.77
C LEU A 131 -16.41 -7.52 -0.36
N ARG A 132 -17.34 -6.62 -0.10
CA ARG A 132 -17.97 -6.56 1.22
C ARG A 132 -18.71 -7.87 1.51
N GLN A 133 -19.46 -8.36 0.54
CA GLN A 133 -20.20 -9.60 0.74
C GLN A 133 -19.28 -10.82 0.65
N ALA A 134 -18.19 -10.72 -0.12
CA ALA A 134 -17.21 -11.81 -0.21
C ALA A 134 -16.55 -12.05 1.14
N ARG A 135 -16.24 -10.99 1.86
CA ARG A 135 -15.65 -11.12 3.19
C ARG A 135 -16.61 -11.87 4.12
N ARG A 136 -17.90 -11.58 4.03
CA ARG A 136 -18.88 -12.28 4.88
C ARG A 136 -18.91 -13.78 4.57
N GLU A 137 -18.84 -14.12 3.30
CA GLU A 137 -18.92 -15.52 2.87
C GLU A 137 -17.69 -16.31 3.30
N VAL A 138 -16.52 -15.69 3.15
CA VAL A 138 -15.27 -16.34 3.55
C VAL A 138 -15.26 -16.61 5.05
N ASP A 139 -15.68 -15.63 5.84
CA ASP A 139 -15.78 -15.77 7.30
C ASP A 139 -16.82 -16.82 7.70
N SER A 140 -18.02 -16.66 7.16
CA SER A 140 -19.15 -17.52 7.54
C SER A 140 -18.88 -18.98 7.22
N ILE A 141 -18.39 -19.26 6.02
CA ILE A 141 -18.10 -20.62 5.62
C ILE A 141 -16.80 -21.11 6.27
N GLY A 142 -15.91 -20.17 6.58
CA GLY A 142 -14.63 -20.50 7.20
C GLY A 142 -13.65 -21.04 6.19
N LEU A 143 -13.24 -20.19 5.24
CA LEU A 143 -12.43 -20.64 4.11
C LEU A 143 -10.96 -20.23 4.21
N GLU A 144 -10.54 -19.71 5.36
CA GLU A 144 -9.16 -19.28 5.53
C GLU A 144 -8.70 -19.40 6.96
N SER B 22 10.87 -6.32 36.74
CA SER B 22 11.36 -7.56 36.14
C SER B 22 12.25 -7.23 34.95
N MET B 23 13.08 -8.19 34.55
N MET B 23 13.10 -8.18 34.57
CA MET B 23 13.93 -7.98 33.39
CA MET B 23 13.95 -7.97 33.40
C MET B 23 13.13 -7.96 32.11
C MET B 23 13.11 -7.94 32.12
N GLU B 24 11.92 -8.52 32.16
CA GLU B 24 11.03 -8.44 31.01
C GLU B 24 10.58 -7.00 30.78
N GLN B 25 10.33 -6.27 31.86
CA GLN B 25 10.00 -4.85 31.77
C GLN B 25 11.18 -4.03 31.27
N VAL B 26 12.35 -4.30 31.80
CA VAL B 26 13.55 -3.61 31.36
C VAL B 26 13.76 -3.82 29.86
N ALA B 27 13.65 -5.07 29.41
CA ALA B 27 13.83 -5.35 28.00
C ALA B 27 12.79 -4.64 27.13
N MET B 28 11.53 -4.63 27.54
CA MET B 28 10.51 -3.96 26.74
CA MET B 28 10.49 -3.96 26.77
C MET B 28 10.75 -2.46 26.64
N GLU B 29 11.15 -1.84 27.74
CA GLU B 29 11.41 -0.41 27.71
C GLU B 29 12.65 -0.11 26.88
N LEU B 30 13.68 -0.96 26.93
CA LEU B 30 14.82 -0.81 26.04
C LEU B 30 14.43 -0.92 24.57
N ARG B 31 13.58 -1.88 24.22
CA ARG B 31 13.17 -2.01 22.82
C ARG B 31 12.39 -0.77 22.39
N LEU B 32 11.55 -0.23 23.27
CA LEU B 32 10.79 0.99 22.98
C LEU B 32 11.72 2.17 22.72
N THR B 33 12.69 2.36 23.60
CA THR B 33 13.54 3.52 23.46
C THR B 33 14.47 3.40 22.24
N GLU B 34 14.96 2.20 21.96
CA GLU B 34 15.83 1.99 20.81
C GLU B 34 15.07 2.10 19.49
N LEU B 35 13.83 1.60 19.44
CA LEU B 35 13.01 1.80 18.26
C LEU B 35 12.79 3.29 18.02
N THR B 36 12.49 4.03 19.09
CA THR B 36 12.24 5.45 18.94
C THR B 36 13.49 6.18 18.45
N ARG B 37 14.67 5.81 18.95
CA ARG B 37 15.91 6.39 18.50
CA ARG B 37 15.91 6.40 18.50
C ARG B 37 16.10 6.16 17.00
N LEU B 38 15.86 4.93 16.58
CA LEU B 38 16.01 4.57 15.17
C LEU B 38 15.04 5.35 14.29
N LEU B 39 13.76 5.41 14.70
CA LEU B 39 12.76 6.09 13.87
C LEU B 39 13.01 7.59 13.82
N ARG B 40 13.50 8.18 14.91
CA ARG B 40 13.80 9.61 14.88
CA ARG B 40 13.85 9.61 14.92
C ARG B 40 14.92 9.88 13.88
N SER B 41 15.90 8.99 13.83
CA SER B 41 17.00 9.14 12.87
C SER B 41 16.49 9.00 11.44
N VAL B 42 15.64 7.99 11.21
CA VAL B 42 15.04 7.80 9.89
C VAL B 42 14.25 9.03 9.48
N LEU B 43 13.42 9.56 10.36
CA LEU B 43 12.59 10.70 9.99
C LEU B 43 13.44 11.93 9.70
N ASP B 44 14.49 12.15 10.49
N ASP B 44 14.49 12.14 10.48
CA ASP B 44 15.39 13.26 10.27
CA ASP B 44 15.38 13.27 10.25
C ASP B 44 16.07 13.13 8.91
C ASP B 44 16.08 13.14 8.90
N GLN B 45 16.50 11.91 8.58
CA GLN B 45 17.11 11.65 7.27
C GLN B 45 16.16 11.92 6.11
N LEU B 46 14.89 11.52 6.26
CA LEU B 46 13.91 11.73 5.21
C LEU B 46 13.63 13.23 5.03
N GLN B 47 13.41 13.95 6.12
CA GLN B 47 13.13 15.38 6.01
C GLN B 47 14.30 16.18 5.45
N ASP B 48 15.52 15.75 5.74
CA ASP B 48 16.67 16.48 5.24
CA ASP B 48 16.71 16.43 5.24
C ASP B 48 16.76 16.40 3.73
N LYS B 49 16.05 15.44 3.13
CA LYS B 49 16.03 15.27 1.69
C LYS B 49 14.95 16.14 1.03
N ASP B 50 14.21 16.89 1.83
CA ASP B 50 13.09 17.70 1.34
C ASP B 50 13.27 19.18 1.73
N PRO B 51 14.32 19.83 1.23
CA PRO B 51 14.53 21.25 1.61
C PRO B 51 13.46 22.20 1.08
N ALA B 52 12.73 21.80 0.04
CA ALA B 52 11.62 22.60 -0.48
C ALA B 52 10.39 22.53 0.44
N ARG B 53 10.45 21.62 1.41
CA ARG B 53 9.39 21.44 2.41
CA ARG B 53 9.39 21.44 2.41
C ARG B 53 8.06 21.07 1.76
N ILE B 54 8.13 20.33 0.67
CA ILE B 54 6.93 19.87 -0.04
C ILE B 54 6.10 18.95 0.86
N PHE B 55 6.77 18.16 1.69
CA PHE B 55 6.09 17.14 2.50
C PHE B 55 6.13 17.45 3.99
N ALA B 56 6.52 18.68 4.33
CA ALA B 56 6.78 19.03 5.74
C ALA B 56 5.52 19.17 6.58
N GLN B 57 4.44 19.65 5.96
CA GLN B 57 3.22 20.01 6.68
C GLN B 57 2.00 19.47 5.96
N PRO B 58 0.87 19.36 6.68
CA PRO B 58 -0.35 18.94 5.98
C PRO B 58 -0.67 19.85 4.80
N VAL B 59 -1.18 19.25 3.73
CA VAL B 59 -1.64 20.05 2.60
C VAL B 59 -2.72 21.03 3.09
N SER B 60 -2.57 22.29 2.70
CA SER B 60 -3.52 23.34 3.07
C SER B 60 -4.83 23.27 2.28
N LEU B 61 -5.94 23.08 2.99
CA LEU B 61 -7.23 22.99 2.33
C LEU B 61 -7.65 24.36 1.83
N LYS B 62 -7.07 25.41 2.41
CA LYS B 62 -7.29 26.76 1.91
C LYS B 62 -6.68 26.94 0.53
N GLU B 63 -5.47 26.41 0.36
CA GLU B 63 -4.75 26.54 -0.91
C GLU B 63 -5.16 25.45 -1.92
N VAL B 64 -5.61 24.30 -1.43
CA VAL B 64 -5.99 23.18 -2.28
C VAL B 64 -7.37 22.67 -1.86
N PRO B 65 -8.42 23.42 -2.21
CA PRO B 65 -9.75 23.14 -1.66
C PRO B 65 -10.35 21.81 -2.09
N ASP B 66 -9.86 21.19 -3.17
CA ASP B 66 -10.39 19.89 -3.60
C ASP B 66 -9.58 18.69 -3.12
N TYR B 67 -8.61 18.91 -2.23
CA TYR B 67 -7.69 17.84 -1.84
C TYR B 67 -8.43 16.63 -1.25
N LEU B 68 -9.38 16.86 -0.36
CA LEU B 68 -10.10 15.76 0.29
C LEU B 68 -11.16 15.12 -0.61
N ASP B 69 -11.45 15.72 -1.76
CA ASP B 69 -12.28 15.05 -2.75
C ASP B 69 -11.59 13.77 -3.22
N HIS B 70 -10.25 13.78 -3.18
CA HIS B 70 -9.47 12.71 -3.80
C HIS B 70 -8.61 11.92 -2.83
N ILE B 71 -8.12 12.57 -1.78
CA ILE B 71 -7.22 11.91 -0.85
C ILE B 71 -7.95 11.63 0.46
N LYS B 72 -8.06 10.36 0.81
CA LYS B 72 -8.86 9.97 1.96
C LYS B 72 -8.07 10.01 3.28
N HIS B 73 -6.76 9.78 3.21
CA HIS B 73 -5.95 9.82 4.43
C HIS B 73 -4.67 10.67 4.26
N PRO B 74 -4.79 11.99 4.43
CA PRO B 74 -3.63 12.87 4.31
C PRO B 74 -2.51 12.53 5.27
N MET B 75 -1.26 12.77 4.86
CA MET B 75 -0.13 12.54 5.74
C MET B 75 1.03 13.46 5.37
N ASP B 76 1.90 13.75 6.34
CA ASP B 76 3.02 14.67 6.17
C ASP B 76 4.03 14.44 7.28
N PHE B 77 5.23 15.00 7.14
CA PHE B 77 6.31 14.71 8.08
C PHE B 77 6.03 15.26 9.49
N ALA B 78 5.34 16.40 9.61
CA ALA B 78 5.06 16.94 10.94
C ALA B 78 4.10 16.02 11.69
N THR B 79 3.11 15.49 10.98
CA THR B 79 2.14 14.60 11.58
C THR B 79 2.84 13.30 11.99
N MET B 80 3.78 12.83 11.18
CA MET B 80 4.56 11.64 11.57
C MET B 80 5.41 11.93 12.80
N ARG B 81 6.02 13.11 12.87
CA ARG B 81 6.87 13.44 14.01
C ARG B 81 6.05 13.49 15.31
N LYS B 82 4.85 14.04 15.20
CA LYS B 82 3.94 14.11 16.35
C LYS B 82 3.60 12.71 16.85
N ARG B 83 3.29 11.81 15.92
CA ARG B 83 2.95 10.43 16.26
C ARG B 83 4.15 9.72 16.88
N LEU B 84 5.32 9.90 16.27
CA LEU B 84 6.56 9.33 16.79
C LEU B 84 6.83 9.75 18.24
N GLU B 85 6.83 11.05 18.49
CA GLU B 85 7.22 11.53 19.82
C GLU B 85 6.17 11.25 20.88
N ALA B 86 4.94 10.95 20.45
CA ALA B 86 3.87 10.59 21.39
C ALA B 86 3.80 9.08 21.63
N GLN B 87 4.83 8.35 21.19
CA GLN B 87 4.88 6.90 21.31
C GLN B 87 3.79 6.15 20.54
N GLY B 88 3.39 6.69 19.39
CA GLY B 88 2.34 6.12 18.58
C GLY B 88 2.76 5.13 17.49
N TYR B 89 4.06 4.92 17.30
CA TYR B 89 4.53 3.87 16.41
C TYR B 89 5.00 2.67 17.22
N LYS B 90 4.30 1.54 17.05
CA LYS B 90 4.63 0.31 17.80
C LYS B 90 5.76 -0.47 17.15
N ASN B 91 5.97 -0.26 15.86
CA ASN B 91 7.00 -0.98 15.11
C ASN B 91 7.36 -0.22 13.84
N LEU B 92 8.39 -0.68 13.16
CA LEU B 92 8.85 -0.01 11.93
C LEU B 92 7.79 -0.04 10.84
N HIS B 93 7.03 -1.13 10.73
CA HIS B 93 6.03 -1.22 9.67
C HIS B 93 4.99 -0.09 9.76
N GLU B 94 4.55 0.26 10.97
CA GLU B 94 3.57 1.32 11.13
C GLU B 94 4.12 2.66 10.62
N PHE B 95 5.40 2.88 10.86
CA PHE B 95 6.10 4.07 10.38
C PHE B 95 6.18 4.04 8.85
N GLU B 96 6.58 2.90 8.29
CA GLU B 96 6.64 2.72 6.84
CA GLU B 96 6.65 2.70 6.84
C GLU B 96 5.30 3.01 6.17
N GLU B 97 4.21 2.57 6.79
CA GLU B 97 2.89 2.80 6.21
C GLU B 97 2.56 4.28 6.12
N ASP B 98 2.94 5.07 7.12
CA ASP B 98 2.71 6.51 7.07
C ASP B 98 3.59 7.18 6.00
N PHE B 99 4.84 6.75 5.87
CA PHE B 99 5.70 7.29 4.82
C PHE B 99 5.10 6.96 3.45
N ASP B 100 4.65 5.73 3.26
CA ASP B 100 4.02 5.35 1.99
C ASP B 100 2.78 6.19 1.68
N LEU B 101 2.01 6.58 2.70
CA LEU B 101 0.88 7.48 2.50
C LEU B 101 1.35 8.81 1.92
N ILE B 102 2.41 9.37 2.47
CA ILE B 102 2.90 10.65 1.97
C ILE B 102 3.20 10.55 0.48
N ILE B 103 3.93 9.51 0.11
CA ILE B 103 4.34 9.30 -1.28
C ILE B 103 3.13 8.99 -2.18
N ASP B 104 2.31 8.04 -1.75
CA ASP B 104 1.20 7.56 -2.58
C ASP B 104 0.18 8.69 -2.78
N ASN B 105 -0.09 9.47 -1.74
CA ASN B 105 -1.04 10.57 -1.85
C ASN B 105 -0.58 11.59 -2.88
N CYS B 106 0.73 11.89 -2.85
CA CYS B 106 1.31 12.86 -3.77
C CYS B 106 1.26 12.34 -5.22
N MET B 107 1.58 11.06 -5.41
CA MET B 107 1.57 10.49 -6.76
C MET B 107 0.15 10.36 -7.31
N LYS B 108 -0.82 10.19 -6.42
CA LYS B 108 -2.23 10.10 -6.82
CA LYS B 108 -2.21 10.11 -6.84
C LYS B 108 -2.80 11.49 -7.14
N TYR B 109 -2.50 12.48 -6.31
CA TYR B 109 -3.10 13.80 -6.49
C TYR B 109 -2.48 14.59 -7.63
N ASN B 110 -1.17 14.45 -7.80
CA ASN B 110 -0.46 15.23 -8.83
C ASN B 110 -0.25 14.43 -10.11
N ALA B 111 -0.33 15.10 -11.26
CA ALA B 111 -0.06 14.43 -12.53
C ALA B 111 1.40 14.03 -12.64
N ARG B 112 1.71 13.00 -13.43
CA ARG B 112 3.08 12.50 -13.38
C ARG B 112 4.12 13.50 -13.93
N ASP B 113 3.74 14.30 -14.91
CA ASP B 113 4.67 15.29 -15.45
C ASP B 113 4.56 16.61 -14.67
N THR B 114 4.90 16.55 -13.39
CA THR B 114 4.89 17.72 -12.50
C THR B 114 6.07 17.62 -11.54
N VAL B 115 6.45 18.76 -10.99
CA VAL B 115 7.56 18.83 -10.06
C VAL B 115 7.25 18.10 -8.76
N PHE B 116 6.03 18.23 -8.25
CA PHE B 116 5.73 17.57 -6.98
C PHE B 116 5.64 16.04 -7.14
N TYR B 117 5.08 15.54 -8.23
CA TYR B 117 5.09 14.10 -8.47
C TYR B 117 6.53 13.60 -8.56
N ARG B 118 7.39 14.29 -9.31
CA ARG B 118 8.77 13.85 -9.41
C ARG B 118 9.48 13.89 -8.05
N ALA B 119 9.13 14.87 -7.20
CA ALA B 119 9.69 14.93 -5.85
C ALA B 119 9.29 13.68 -5.06
N ALA B 120 8.05 13.23 -5.19
CA ALA B 120 7.61 12.03 -4.51
C ALA B 120 8.34 10.78 -5.00
N VAL B 121 8.59 10.70 -6.31
CA VAL B 121 9.34 9.57 -6.86
C VAL B 121 10.77 9.58 -6.35
N ARG B 122 11.37 10.77 -6.26
CA ARG B 122 12.70 10.92 -5.71
C ARG B 122 12.77 10.47 -4.23
N LEU B 123 11.86 10.98 -3.42
CA LEU B 123 11.80 10.61 -2.01
C LEU B 123 11.44 9.13 -1.81
N ARG B 124 10.61 8.57 -2.68
CA ARG B 124 10.31 7.15 -2.61
C ARG B 124 11.58 6.32 -2.79
N ASP B 125 12.42 6.68 -3.76
CA ASP B 125 13.69 5.97 -4.00
C ASP B 125 14.61 6.08 -2.81
N GLN B 126 14.83 7.30 -2.36
CA GLN B 126 15.76 7.55 -1.28
C GLN B 126 15.23 6.94 0.01
N GLY B 127 13.94 7.14 0.25
CA GLY B 127 13.30 6.63 1.45
C GLY B 127 13.26 5.12 1.51
N GLY B 128 13.06 4.47 0.37
CA GLY B 128 13.06 3.02 0.32
C GLY B 128 14.38 2.46 0.80
N VAL B 129 15.48 3.09 0.39
CA VAL B 129 16.79 2.64 0.81
C VAL B 129 16.99 2.87 2.31
N VAL B 130 16.62 4.04 2.80
CA VAL B 130 16.75 4.34 4.22
C VAL B 130 15.92 3.35 5.04
N LEU B 131 14.72 3.05 4.59
CA LEU B 131 13.84 2.14 5.34
C LEU B 131 14.31 0.67 5.28
N ARG B 132 14.89 0.24 4.16
CA ARG B 132 15.46 -1.11 4.13
C ARG B 132 16.67 -1.21 5.07
N GLN B 133 17.47 -0.15 5.16
CA GLN B 133 18.57 -0.12 6.13
C GLN B 133 18.02 -0.14 7.56
N ALA B 134 16.93 0.58 7.79
CA ALA B 134 16.30 0.59 9.10
C ALA B 134 15.83 -0.81 9.49
N ARG B 135 15.34 -1.58 8.52
CA ARG B 135 14.89 -2.95 8.77
C ARG B 135 16.09 -3.83 9.17
N ARG B 136 17.22 -3.63 8.52
CA ARG B 136 18.45 -4.33 8.90
C ARG B 136 18.83 -3.99 10.34
N GLU B 137 18.66 -2.74 10.72
CA GLU B 137 19.00 -2.32 12.09
C GLU B 137 18.00 -2.89 13.11
N VAL B 138 16.72 -2.94 12.76
CA VAL B 138 15.74 -3.60 13.63
C VAL B 138 16.16 -5.03 13.92
N ASP B 139 16.57 -5.76 12.90
CA ASP B 139 17.03 -7.13 13.08
C ASP B 139 18.33 -7.22 13.87
N SER B 140 19.29 -6.33 13.60
CA SER B 140 20.59 -6.37 14.28
C SER B 140 20.49 -5.97 15.77
N ILE B 141 19.64 -5.00 16.06
CA ILE B 141 19.45 -4.52 17.43
C ILE B 141 18.54 -5.46 18.23
N GLY B 142 17.65 -6.19 17.54
CA GLY B 142 16.72 -7.11 18.18
C GLY B 142 15.42 -6.47 18.62
N LEU B 143 14.92 -5.53 17.82
CA LEU B 143 13.76 -4.73 18.23
C LEU B 143 12.42 -5.43 18.05
N GLU B 144 12.40 -6.55 17.33
CA GLU B 144 11.17 -7.32 17.21
C GLU B 144 11.29 -8.73 17.77
NA NA C . -0.64 10.99 -10.67
C1 EDO D . -0.93 2.99 -18.52
O1 EDO D . -1.81 3.30 -17.43
C2 EDO D . -1.39 3.73 -19.77
O2 EDO D . -1.29 5.14 -19.55
C1 EDO E . -4.48 1.53 -17.18
O1 EDO E . -4.21 1.11 -18.52
C2 EDO E . -3.97 0.46 -16.21
O2 EDO E . -3.70 1.05 -14.94
C1 EDO F . -2.72 -1.85 -26.29
O1 EDO F . -3.95 -2.32 -25.74
C2 EDO F . -2.95 -1.19 -27.65
O2 EDO F . -3.43 -2.18 -28.56
N1 8S7 G . -4.62 0.32 -19.58
C4 8S7 G . -3.79 1.15 -18.83
C5 8S7 G . -4.62 0.18 -20.92
C6 8S7 G . -5.49 -0.90 -21.45
C7 8S7 G . -5.33 -1.19 -22.92
C8 8S7 G . -6.44 -0.33 -22.46
C1 8S7 G . -1.16 3.61 -18.10
C2 8S7 G . -2.26 2.60 -18.11
C3 8S7 G . -2.82 1.99 -19.24
O1 8S7 G . -3.93 0.90 -21.65
O2 8S7 G . -3.85 1.21 -17.49
N2 8S7 G . -2.87 2.15 -17.05
C1 EDO H . 0.84 17.35 -2.96
O1 EDO H . 0.03 18.26 -3.71
C2 EDO H . 1.99 18.11 -2.30
O2 EDO H . 2.43 17.38 -1.14
C1 EDO I . 10.60 -1.14 6.60
O1 EDO I . 9.45 -1.81 7.14
C2 EDO I . 11.05 -1.77 5.29
O2 EDO I . 11.49 -3.13 5.50
#